data_6EVA
#
_entry.id   6EVA
#
_cell.length_a   96.270
_cell.length_b   63.730
_cell.length_c   87.420
_cell.angle_alpha   90.00
_cell.angle_beta   90.00
_cell.angle_gamma   90.00
#
_symmetry.space_group_name_H-M   'P 21 21 2'
#
loop_
_entity.id
_entity.type
_entity.pdbx_description
1 polymer 'Ferulic acid decarboxylase 1'
2 non-polymer 'MANGANESE (II) ION'
3 non-polymer 'POTASSIUM ION'
4 non-polymer '1-deoxy-5-O-phosphono-1-[(1S)-3,3,4,5-tetramethyl-9,11-dioxo-1-(phenylacetyl)-2,3,8,9,10,11-hexahydro-1H,7H-quinolino[1 ,8-fg]pteridin-7-yl]-D-ribitol'
5 water water
#
_entity_poly.entity_id   1
_entity_poly.type   'polypeptide(L)'
_entity_poly.pdbx_seq_one_letter_code
;MSAQPAHLCFRSFVEALKVDNDLVEINTPIDPNLEAAAITRRVCETNDKAPLFNNLIGMKNGLFRILGAPGSLRKSSADR
YGRLARHLALPPTASMREILDKMLSASDMPPIPPTIVPTGPCKENSLDDSEFDLTELPVPLIHKSDGGKYIQTYGMHIVQ
SPDGTWTNWSIARAMVHDKNHLTGLVIPPQHIWQIHQMWKKEGRSDVPWALAFGVPPAAIMASSMPIPDGVTEAGYVGAM
TGSSLELVKCDTNDLYVPATSEIVLEGTLSISETGPQGPFGEMHGYIFPGDTHLGAKYKVNRITYRNNAIMPMSSCGRLT
DETHTMIGSLAAAEIRKLCQQNDLPITDAFAPFESQVTWVALRVDTEKLRAMKTTSEGFRKRVGDVVFNHKAGYTIHRLV
LVGDDIDVYEGKDVLWAFSTRCRPGMDETLFEDVRGFPLIPYMGHGNGPAHRGGKVVSDALMPTEYTTGRNWEAADFNQS
YPEDLKQKVLDNWTKMGFSNLEHHHHHH
;
_entity_poly.pdbx_strand_id   A
#
# COMPACT_ATOMS: atom_id res chain seq x y z
N GLN A 4 18.10 -15.72 7.90
CA GLN A 4 16.74 -15.17 8.22
C GLN A 4 15.87 -15.30 7.00
N PRO A 5 14.57 -15.65 7.17
CA PRO A 5 13.73 -15.74 5.97
C PRO A 5 13.36 -14.41 5.32
N ALA A 6 13.08 -14.43 4.02
CA ALA A 6 12.85 -13.21 3.23
C ALA A 6 11.71 -12.38 3.81
N HIS A 7 10.68 -13.00 4.35
CA HIS A 7 9.54 -12.22 4.88
C HIS A 7 9.83 -11.53 6.20
N LEU A 8 10.90 -11.98 6.91
CA LEU A 8 11.31 -11.44 8.18
C LEU A 8 12.58 -10.58 8.20
N CYS A 9 13.18 -10.36 7.07
CA CYS A 9 14.47 -9.65 6.93
C CYS A 9 14.62 -9.08 5.53
N PHE A 10 14.66 -7.74 5.44
CA PHE A 10 14.76 -7.05 4.16
C PHE A 10 16.01 -7.50 3.37
N ARG A 11 17.14 -7.70 4.04
CA ARG A 11 18.31 -8.08 3.33
C ARG A 11 18.12 -9.44 2.70
N SER A 12 17.47 -10.35 3.41
CA SER A 12 17.13 -11.61 2.82
C SER A 12 16.12 -11.53 1.67
N PHE A 13 15.13 -10.65 1.81
CA PHE A 13 14.23 -10.36 0.71
C PHE A 13 14.96 -9.89 -0.58
N VAL A 14 15.96 -9.03 -0.46
CA VAL A 14 16.69 -8.60 -1.64
C VAL A 14 17.43 -9.79 -2.26
N GLU A 15 17.98 -10.63 -1.43
N GLU A 15 17.97 -10.64 -1.41
CA GLU A 15 18.63 -11.85 -1.99
CA GLU A 15 18.59 -11.89 -1.93
C GLU A 15 17.59 -12.80 -2.64
C GLU A 15 17.57 -12.76 -2.66
N ALA A 16 16.36 -12.87 -2.11
CA ALA A 16 15.34 -13.62 -2.76
C ALA A 16 14.98 -13.13 -4.12
N LEU A 17 14.83 -11.83 -4.27
CA LEU A 17 14.58 -11.24 -5.56
C LEU A 17 15.72 -11.53 -6.59
N LYS A 18 16.96 -11.51 -6.12
N LYS A 18 16.97 -11.48 -6.09
CA LYS A 18 18.07 -11.89 -7.01
CA LYS A 18 18.14 -11.75 -6.91
C LYS A 18 17.86 -13.30 -7.53
C LYS A 18 18.08 -13.20 -7.45
N VAL A 19 17.71 -14.22 -6.57
N VAL A 19 17.68 -14.17 -6.63
CA VAL A 19 17.59 -15.63 -6.90
CA VAL A 19 17.64 -15.56 -7.12
C VAL A 19 16.42 -15.86 -7.85
C VAL A 19 16.36 -15.95 -7.84
N ASP A 20 15.29 -15.15 -7.66
CA ASP A 20 14.12 -15.20 -8.52
C ASP A 20 14.33 -14.63 -9.95
N ASN A 21 15.50 -14.04 -10.22
CA ASN A 21 15.77 -13.30 -11.43
C ASN A 21 14.71 -12.20 -11.61
N ASP A 22 14.45 -11.53 -10.48
CA ASP A 22 13.47 -10.44 -10.41
C ASP A 22 14.16 -9.15 -9.93
N LEU A 23 15.50 -9.08 -10.03
N LEU A 23 15.46 -8.99 -10.19
CA LEU A 23 16.33 -7.98 -9.60
CA LEU A 23 16.18 -7.86 -9.69
C LEU A 23 17.32 -7.67 -10.71
C LEU A 23 17.43 -7.66 -10.51
N VAL A 24 17.64 -6.38 -10.87
CA VAL A 24 18.76 -5.94 -11.69
C VAL A 24 19.68 -5.17 -10.76
N GLU A 25 20.93 -5.65 -10.62
CA GLU A 25 21.93 -4.90 -9.83
C GLU A 25 22.66 -3.93 -10.71
N ILE A 26 22.67 -2.67 -10.35
N ILE A 26 22.63 -2.67 -10.34
CA ILE A 26 23.30 -1.63 -11.17
CA ILE A 26 23.30 -1.62 -11.09
C ILE A 26 24.45 -1.10 -10.31
C ILE A 26 24.48 -1.23 -10.21
N ASN A 27 25.69 -1.48 -10.71
CA ASN A 27 26.88 -1.27 -9.95
C ASN A 27 27.69 -0.04 -10.42
N THR A 28 27.26 0.62 -11.49
CA THR A 28 27.87 1.85 -11.98
C THR A 28 27.15 3.03 -11.34
N PRO A 29 27.80 4.18 -11.27
CA PRO A 29 27.16 5.30 -10.54
C PRO A 29 25.87 5.81 -11.12
N ILE A 30 24.90 6.01 -10.20
CA ILE A 30 23.58 6.50 -10.53
C ILE A 30 23.30 7.69 -9.67
N ASP A 31 22.80 8.72 -10.28
CA ASP A 31 22.47 9.96 -9.55
C ASP A 31 21.17 9.88 -8.78
N PRO A 32 21.21 10.11 -7.47
CA PRO A 32 19.92 10.17 -6.74
C PRO A 32 19.09 11.37 -7.17
N ASN A 33 19.67 12.41 -7.80
CA ASN A 33 18.87 13.48 -8.35
C ASN A 33 18.23 13.00 -9.66
N LEU A 34 16.98 12.51 -9.56
CA LEU A 34 16.21 12.06 -10.65
C LEU A 34 16.50 10.76 -11.33
N GLU A 35 17.74 10.41 -11.55
CA GLU A 35 18.02 9.21 -12.37
C GLU A 35 17.59 7.91 -11.75
N ALA A 36 17.86 7.72 -10.45
CA ALA A 36 17.40 6.45 -9.82
C ALA A 36 15.87 6.38 -9.92
N ALA A 37 15.17 7.50 -9.60
CA ALA A 37 13.68 7.46 -9.67
C ALA A 37 13.14 7.33 -11.10
N ALA A 38 13.86 7.84 -12.10
CA ALA A 38 13.44 7.73 -13.50
C ALA A 38 13.56 6.25 -13.95
N ILE A 39 14.64 5.59 -13.64
CA ILE A 39 14.82 4.17 -13.92
C ILE A 39 13.69 3.36 -13.23
N THR A 40 13.43 3.69 -11.97
CA THR A 40 12.41 3.00 -11.20
C THR A 40 11.01 3.25 -11.77
N ARG A 41 10.75 4.50 -12.19
CA ARG A 41 9.46 4.81 -12.79
C ARG A 41 9.22 4.03 -14.06
N ARG A 42 10.26 3.92 -14.89
N ARG A 42 10.24 3.91 -14.90
CA ARG A 42 10.19 3.10 -16.09
CA ARG A 42 10.11 3.10 -16.11
C ARG A 42 9.95 1.64 -15.82
C ARG A 42 9.96 1.60 -15.84
N VAL A 43 10.64 1.09 -14.80
CA VAL A 43 10.38 -0.27 -14.31
C VAL A 43 8.92 -0.46 -13.94
N CYS A 44 8.39 0.50 -13.16
CA CYS A 44 7.02 0.41 -12.74
C CYS A 44 5.99 0.48 -13.87
N GLU A 45 6.26 1.30 -14.91
CA GLU A 45 5.38 1.46 -16.04
C GLU A 45 5.45 0.28 -16.97
N THR A 46 6.49 -0.55 -16.84
CA THR A 46 6.67 -1.69 -17.71
C THR A 46 6.69 -3.02 -17.04
N ASN A 47 6.45 -3.07 -15.73
CA ASN A 47 6.49 -4.27 -14.94
C ASN A 47 7.85 -5.04 -15.05
N ASP A 48 8.93 -4.27 -15.14
CA ASP A 48 10.25 -4.91 -15.22
C ASP A 48 10.75 -5.39 -13.85
N LYS A 49 11.99 -5.87 -13.85
CA LYS A 49 12.67 -6.32 -12.65
C LYS A 49 13.00 -5.13 -11.70
N ALA A 50 13.00 -5.39 -10.39
CA ALA A 50 13.29 -4.34 -9.45
C ALA A 50 14.79 -3.87 -9.53
N PRO A 51 15.03 -2.55 -9.50
CA PRO A 51 16.43 -2.09 -9.62
C PRO A 51 17.10 -1.95 -8.31
N LEU A 52 18.29 -2.50 -8.15
CA LEU A 52 19.10 -2.34 -6.92
C LEU A 52 20.31 -1.46 -7.29
N PHE A 53 20.35 -0.25 -6.80
CA PHE A 53 21.38 0.74 -7.12
C PHE A 53 22.42 0.56 -6.04
N ASN A 54 23.53 -0.14 -6.36
CA ASN A 54 24.61 -0.37 -5.46
C ASN A 54 25.67 0.74 -5.47
N ASN A 55 25.51 1.72 -6.32
CA ASN A 55 26.51 2.79 -6.47
C ASN A 55 25.87 4.11 -6.70
N LEU A 56 25.52 4.80 -5.61
N LEU A 56 25.48 4.80 -5.62
CA LEU A 56 24.76 6.02 -5.69
CA LEU A 56 24.72 6.05 -5.72
C LEU A 56 25.86 7.11 -5.66
C LEU A 56 25.67 7.19 -5.50
N ILE A 57 25.66 8.14 -6.45
CA ILE A 57 26.54 9.29 -6.40
C ILE A 57 26.29 10.02 -5.10
N GLY A 58 27.40 10.24 -4.35
CA GLY A 58 27.27 10.91 -3.07
C GLY A 58 27.04 10.03 -1.86
N MET A 59 27.06 8.69 -2.05
N MET A 59 27.12 8.71 -2.05
CA MET A 59 26.95 7.78 -0.91
CA MET A 59 27.13 7.83 -0.93
C MET A 59 28.21 7.94 -0.05
C MET A 59 28.23 8.27 0.00
N LYS A 60 27.95 8.12 1.27
CA LYS A 60 28.91 8.58 2.31
C LYS A 60 28.78 7.62 3.49
N ASN A 61 29.89 7.07 4.00
CA ASN A 61 29.88 6.43 5.36
C ASN A 61 28.89 5.28 5.37
N GLY A 62 28.71 4.64 4.22
CA GLY A 62 27.88 3.46 4.09
C GLY A 62 26.42 3.83 3.85
N LEU A 63 26.09 5.10 3.66
CA LEU A 63 24.69 5.51 3.47
C LEU A 63 24.57 6.06 2.07
N PHE A 64 23.78 5.47 1.16
CA PHE A 64 23.10 4.17 1.23
C PHE A 64 22.93 3.69 -0.21
N ARG A 65 22.67 2.43 -0.38
CA ARG A 65 22.16 1.84 -1.61
C ARG A 65 20.67 2.09 -1.72
N ILE A 66 20.06 1.91 -2.88
CA ILE A 66 18.59 2.04 -3.02
C ILE A 66 18.02 0.84 -3.70
N LEU A 67 16.88 0.27 -3.23
CA LEU A 67 16.17 -0.68 -3.99
C LEU A 67 14.88 0.00 -4.45
N GLY A 68 14.63 0.11 -5.74
CA GLY A 68 13.37 0.69 -6.24
C GLY A 68 12.34 -0.41 -6.49
N ALA A 69 11.09 0.00 -6.57
CA ALA A 69 9.98 -0.88 -7.03
C ALA A 69 9.89 -2.20 -6.13
N PRO A 70 9.99 -2.04 -4.79
CA PRO A 70 9.99 -3.24 -3.94
C PRO A 70 8.70 -4.03 -3.98
N GLY A 71 7.55 -3.41 -4.27
CA GLY A 71 6.21 -4.07 -4.19
C GLY A 71 5.47 -3.94 -5.52
N SER A 72 6.17 -3.71 -6.64
CA SER A 72 5.56 -3.51 -7.96
C SER A 72 5.38 -4.85 -8.66
N LEU A 73 4.83 -4.83 -9.87
CA LEU A 73 4.38 -6.06 -10.53
C LEU A 73 5.43 -6.65 -11.44
N ARG A 74 5.32 -7.94 -11.59
CA ARG A 74 6.20 -8.67 -12.54
C ARG A 74 5.51 -8.75 -13.93
N LYS A 75 6.28 -8.97 -14.99
CA LYS A 75 5.68 -8.92 -16.33
C LYS A 75 4.73 -10.10 -16.64
N SER A 76 5.11 -11.31 -16.29
N SER A 76 5.12 -11.29 -16.24
CA SER A 76 4.21 -12.46 -16.67
CA SER A 76 4.31 -12.54 -16.46
C SER A 76 2.98 -12.57 -15.78
C SER A 76 2.96 -12.54 -15.73
N SER A 77 1.91 -13.06 -16.36
CA SER A 77 0.65 -13.22 -15.66
C SER A 77 0.81 -14.28 -14.57
N ALA A 78 1.62 -15.30 -14.78
CA ALA A 78 1.72 -16.38 -13.80
C ALA A 78 2.26 -15.95 -12.42
N ASP A 79 3.26 -15.04 -12.41
CA ASP A 79 3.80 -14.60 -11.12
C ASP A 79 3.72 -13.10 -11.07
N ARG A 80 2.65 -12.56 -11.60
CA ARG A 80 2.38 -11.13 -11.61
C ARG A 80 2.61 -10.50 -10.20
N TYR A 81 2.17 -11.17 -9.12
CA TYR A 81 2.21 -10.62 -7.78
C TYR A 81 3.35 -11.21 -6.97
N GLY A 82 4.33 -11.80 -7.68
CA GLY A 82 5.36 -12.51 -7.01
C GLY A 82 6.23 -11.69 -6.03
N ARG A 83 6.43 -10.40 -6.34
CA ARG A 83 7.18 -9.56 -5.46
C ARG A 83 6.44 -9.32 -4.14
N LEU A 84 5.09 -9.19 -4.20
N LEU A 84 5.08 -9.18 -4.20
CA LEU A 84 4.24 -9.17 -3.02
CA LEU A 84 4.25 -9.15 -3.01
C LEU A 84 4.22 -10.49 -2.24
C LEU A 84 4.22 -10.49 -2.23
N ALA A 85 4.12 -11.62 -2.95
CA ALA A 85 4.21 -12.92 -2.34
C ALA A 85 5.47 -13.10 -1.55
N ARG A 86 6.60 -12.58 -2.05
CA ARG A 86 7.88 -12.68 -1.37
C ARG A 86 7.96 -11.86 -0.10
N HIS A 87 7.06 -10.88 0.09
CA HIS A 87 6.93 -10.20 1.37
C HIS A 87 6.26 -11.06 2.45
N LEU A 88 5.65 -12.19 2.06
CA LEU A 88 4.72 -12.89 2.93
C LEU A 88 4.92 -14.39 3.06
N ALA A 89 6.01 -14.87 2.50
CA ALA A 89 6.36 -16.31 2.53
C ALA A 89 5.35 -17.11 1.72
N LEU A 90 4.69 -16.50 0.77
CA LEU A 90 3.82 -17.16 -0.16
C LEU A 90 4.53 -17.55 -1.43
N PRO A 91 4.06 -18.62 -2.10
CA PRO A 91 4.63 -18.88 -3.40
C PRO A 91 4.53 -17.75 -4.40
N PRO A 92 5.51 -17.58 -5.29
CA PRO A 92 5.40 -16.43 -6.22
C PRO A 92 4.24 -16.41 -7.21
N THR A 93 3.62 -17.58 -7.44
CA THR A 93 2.42 -17.70 -8.23
C THR A 93 1.13 -17.46 -7.46
N ALA A 94 1.24 -16.99 -6.23
CA ALA A 94 0.04 -16.64 -5.40
C ALA A 94 -0.86 -15.64 -6.08
N SER A 95 -2.17 -15.89 -5.96
CA SER A 95 -3.15 -15.00 -6.45
C SER A 95 -3.35 -13.85 -5.51
N MET A 96 -4.00 -12.80 -6.03
N MET A 96 -4.00 -12.79 -5.99
CA MET A 96 -4.30 -11.68 -5.16
CA MET A 96 -4.24 -11.66 -5.06
C MET A 96 -5.20 -12.12 -4.00
C MET A 96 -5.25 -12.09 -3.97
N ARG A 97 -6.16 -13.00 -4.28
CA ARG A 97 -7.09 -13.53 -3.21
C ARG A 97 -6.28 -14.17 -2.08
N GLU A 98 -5.24 -14.96 -2.46
CA GLU A 98 -4.40 -15.61 -1.48
C GLU A 98 -3.52 -14.62 -0.71
N ILE A 99 -2.98 -13.57 -1.36
CA ILE A 99 -2.25 -12.52 -0.63
C ILE A 99 -3.13 -11.81 0.33
N LEU A 100 -4.30 -11.41 -0.12
CA LEU A 100 -5.21 -10.66 0.76
C LEU A 100 -5.74 -11.52 1.90
N ASP A 101 -6.06 -12.76 1.64
CA ASP A 101 -6.39 -13.69 2.72
C ASP A 101 -5.28 -13.82 3.74
N LYS A 102 -4.01 -13.87 3.32
CA LYS A 102 -2.91 -13.91 4.25
C LYS A 102 -2.87 -12.68 5.09
N MET A 103 -3.07 -11.50 4.46
CA MET A 103 -3.05 -10.21 5.20
C MET A 103 -4.18 -10.11 6.18
N LEU A 104 -5.32 -10.78 5.90
CA LEU A 104 -6.48 -10.78 6.81
C LEU A 104 -6.43 -11.86 7.86
N SER A 105 -5.57 -12.84 7.72
CA SER A 105 -5.65 -14.00 8.53
C SER A 105 -5.46 -13.68 10.03
N ALA A 106 -4.65 -12.68 10.38
CA ALA A 106 -4.44 -12.32 11.75
C ALA A 106 -5.62 -11.61 12.45
N SER A 107 -6.63 -11.20 11.67
N SER A 107 -6.62 -11.15 11.69
CA SER A 107 -7.77 -10.51 12.19
CA SER A 107 -7.74 -10.48 12.28
C SER A 107 -8.65 -11.40 13.13
C SER A 107 -8.42 -11.35 13.34
N ASP A 108 -8.50 -12.69 13.10
N ASP A 108 -8.45 -12.63 13.05
CA ASP A 108 -9.18 -13.55 14.11
CA ASP A 108 -9.15 -13.66 13.83
C ASP A 108 -8.23 -14.56 14.71
C ASP A 108 -8.36 -14.33 14.97
N MET A 109 -7.07 -14.02 15.04
CA MET A 109 -6.10 -14.71 15.87
C MET A 109 -5.65 -13.80 17.01
N PRO A 110 -5.26 -14.42 18.13
CA PRO A 110 -4.65 -13.58 19.15
C PRO A 110 -3.33 -12.97 18.61
N PRO A 111 -3.05 -11.72 18.99
CA PRO A 111 -1.68 -11.17 18.66
C PRO A 111 -0.57 -12.01 19.21
N ILE A 112 0.58 -12.02 18.52
CA ILE A 112 1.82 -12.58 19.06
C ILE A 112 2.74 -11.40 19.33
N PRO A 113 2.86 -10.95 20.56
CA PRO A 113 3.66 -9.80 20.82
C PRO A 113 5.14 -10.01 20.47
N PRO A 114 5.82 -8.91 20.19
CA PRO A 114 7.22 -8.98 19.78
C PRO A 114 8.15 -9.39 20.90
N THR A 115 9.32 -9.84 20.50
CA THR A 115 10.41 -10.27 21.42
C THR A 115 11.51 -9.23 21.40
N ILE A 116 11.94 -8.78 22.59
CA ILE A 116 13.05 -7.79 22.69
C ILE A 116 14.35 -8.54 22.70
N VAL A 117 15.26 -8.15 21.87
CA VAL A 117 16.62 -8.70 21.82
C VAL A 117 17.58 -7.57 22.07
N PRO A 118 18.80 -7.91 22.55
CA PRO A 118 19.68 -6.86 23.00
C PRO A 118 20.35 -6.06 21.88
N THR A 119 20.51 -6.67 20.73
CA THR A 119 21.13 -5.99 19.56
C THR A 119 20.65 -6.64 18.28
N GLY A 120 21.10 -6.06 17.18
CA GLY A 120 20.82 -6.60 15.87
C GLY A 120 21.61 -5.89 14.81
N PRO A 121 21.45 -6.30 13.53
CA PRO A 121 22.21 -5.63 12.44
C PRO A 121 21.99 -4.13 12.33
N CYS A 122 20.81 -3.63 12.75
CA CYS A 122 20.56 -2.22 12.65
C CYS A 122 21.41 -1.32 13.56
N LYS A 123 22.19 -1.97 14.45
CA LYS A 123 23.07 -1.23 15.33
C LYS A 123 24.53 -1.34 14.89
N GLU A 124 24.81 -1.91 13.74
CA GLU A 124 26.20 -2.01 13.26
C GLU A 124 26.98 -0.73 13.14
N ASN A 125 26.27 0.35 12.81
CA ASN A 125 26.76 1.70 12.64
C ASN A 125 25.83 2.70 13.27
N SER A 126 26.39 3.82 13.76
CA SER A 126 25.64 4.89 14.31
C SER A 126 26.26 6.23 13.98
N LEU A 127 25.40 7.24 13.90
CA LEU A 127 25.75 8.63 13.73
C LEU A 127 24.96 9.49 14.69
N ASP A 128 25.65 10.22 15.57
CA ASP A 128 24.97 11.24 16.40
C ASP A 128 24.71 12.57 15.73
N ASP A 129 23.99 13.45 16.44
N ASP A 129 23.97 13.48 16.40
CA ASP A 129 23.63 14.84 16.01
CA ASP A 129 23.63 14.82 15.86
C ASP A 129 24.77 15.70 15.36
C ASP A 129 24.82 15.60 15.20
N SER A 130 25.99 15.47 15.79
CA SER A 130 27.14 16.22 15.30
C SER A 130 27.81 15.51 14.15
N GLU A 131 27.37 14.26 13.79
CA GLU A 131 28.01 13.48 12.75
C GLU A 131 27.22 13.23 11.48
N PHE A 132 25.91 13.41 11.46
CA PHE A 132 25.17 13.30 10.17
C PHE A 132 24.66 14.61 9.75
N ASP A 133 24.33 14.69 8.45
CA ASP A 133 23.60 15.81 7.91
C ASP A 133 22.72 15.26 6.80
N LEU A 134 21.39 15.41 6.97
CA LEU A 134 20.43 14.75 6.07
C LEU A 134 20.51 15.36 4.67
N THR A 135 21.02 16.60 4.57
CA THR A 135 21.20 17.26 3.28
C THR A 135 22.40 16.80 2.50
N GLU A 136 23.30 16.05 3.13
CA GLU A 136 24.51 15.51 2.48
C GLU A 136 24.38 14.01 2.14
N LEU A 137 23.30 13.32 2.60
CA LEU A 137 23.06 11.95 2.17
C LEU A 137 22.47 11.95 0.74
N PRO A 138 22.61 10.81 0.05
CA PRO A 138 22.11 10.69 -1.35
C PRO A 138 20.61 10.46 -1.45
N VAL A 139 19.88 11.35 -0.79
CA VAL A 139 18.44 11.26 -0.76
C VAL A 139 17.92 11.58 -2.17
N PRO A 140 16.96 10.77 -2.69
CA PRO A 140 16.49 10.98 -4.02
C PRO A 140 15.56 12.14 -4.22
N LEU A 141 15.72 12.84 -5.37
CA LEU A 141 14.64 13.69 -5.92
C LEU A 141 13.90 12.78 -6.84
N ILE A 142 12.62 12.51 -6.54
CA ILE A 142 11.84 11.42 -7.20
C ILE A 142 11.16 11.88 -8.47
N HIS A 143 10.59 13.09 -8.46
CA HIS A 143 9.96 13.70 -9.63
C HIS A 143 10.55 15.12 -9.78
N LYS A 144 10.67 15.58 -11.03
N LYS A 144 10.71 15.57 -11.03
CA LYS A 144 11.35 16.88 -11.30
CA LYS A 144 11.44 16.85 -11.19
C LYS A 144 10.77 18.12 -10.61
C LYS A 144 10.82 18.04 -10.47
N SER A 145 9.46 18.12 -10.35
CA SER A 145 8.79 19.22 -9.68
C SER A 145 8.53 19.00 -8.22
N ASP A 146 9.06 17.91 -7.62
CA ASP A 146 8.87 17.73 -6.16
C ASP A 146 9.44 18.86 -5.33
N GLY A 147 8.76 19.16 -4.26
CA GLY A 147 9.18 20.27 -3.38
C GLY A 147 10.25 19.95 -2.35
N GLY A 148 10.86 18.75 -2.44
CA GLY A 148 11.87 18.31 -1.52
C GLY A 148 12.36 16.93 -1.96
N LYS A 149 13.41 16.47 -1.29
N LYS A 149 13.40 16.48 -1.25
CA LYS A 149 13.93 15.17 -1.54
CA LYS A 149 13.98 15.19 -1.45
C LYS A 149 13.25 14.21 -0.55
C LYS A 149 13.24 14.21 -0.52
N TYR A 150 12.46 13.30 -1.09
CA TYR A 150 11.62 12.41 -0.30
C TYR A 150 12.41 11.20 0.09
N ILE A 151 13.12 11.33 1.21
CA ILE A 151 13.81 10.22 1.81
C ILE A 151 12.88 9.10 2.19
N GLN A 152 11.68 9.42 2.58
CA GLN A 152 10.75 8.42 3.15
C GLN A 152 9.59 8.16 2.25
N THR A 153 9.74 7.07 1.49
CA THR A 153 8.64 6.53 0.68
C THR A 153 8.30 5.05 0.96
N TYR A 154 9.16 4.36 1.73
CA TYR A 154 8.86 2.93 1.96
C TYR A 154 9.38 2.50 3.31
N GLY A 155 9.65 3.39 4.21
CA GLY A 155 9.92 3.07 5.62
C GLY A 155 8.71 3.15 6.48
N MET A 156 8.86 2.67 7.72
CA MET A 156 7.83 2.54 8.66
C MET A 156 7.97 3.52 9.79
N HIS A 157 6.99 4.44 9.95
CA HIS A 157 6.97 5.29 11.15
C HIS A 157 6.48 4.49 12.35
N ILE A 158 7.14 4.67 13.50
CA ILE A 158 6.79 3.99 14.71
C ILE A 158 6.45 5.06 15.80
N VAL A 159 5.19 5.12 16.18
CA VAL A 159 4.73 5.97 17.31
C VAL A 159 3.85 5.21 18.26
N GLN A 160 3.81 5.67 19.53
CA GLN A 160 3.11 4.93 20.56
C GLN A 160 2.14 5.92 21.26
N SER A 161 0.99 5.46 21.63
CA SER A 161 0.08 6.28 22.46
C SER A 161 0.76 6.71 23.76
N PRO A 162 0.36 7.85 24.27
CA PRO A 162 0.95 8.28 25.58
C PRO A 162 0.85 7.24 26.68
N ASP A 163 -0.26 6.51 26.73
CA ASP A 163 -0.45 5.49 27.78
C ASP A 163 0.32 4.19 27.54
N GLY A 164 0.97 4.09 26.39
CA GLY A 164 1.84 2.93 26.09
C GLY A 164 1.05 1.73 25.59
N THR A 165 -0.25 1.78 25.45
CA THR A 165 -1.06 0.62 25.10
C THR A 165 -1.16 0.28 23.62
N TRP A 166 -0.75 1.24 22.78
CA TRP A 166 -0.88 1.02 21.30
C TRP A 166 0.38 1.51 20.67
N THR A 167 1.06 0.64 19.90
CA THR A 167 2.22 1.07 19.11
C THR A 167 1.83 0.89 17.61
N ASN A 168 1.82 2.01 16.88
CA ASN A 168 1.37 1.93 15.46
C ASN A 168 2.60 1.95 14.56
N TRP A 169 2.51 1.11 13.49
CA TRP A 169 3.44 1.14 12.42
C TRP A 169 2.72 1.47 11.12
N SER A 170 3.22 2.48 10.43
CA SER A 170 2.58 2.91 9.19
C SER A 170 3.59 3.55 8.22
N ILE A 171 3.22 3.57 6.96
CA ILE A 171 3.92 4.37 5.93
C ILE A 171 3.18 5.69 5.81
N ALA A 172 3.96 6.78 5.86
CA ALA A 172 3.51 8.14 5.49
C ALA A 172 4.78 8.83 4.94
N ARG A 173 4.61 9.57 3.86
CA ARG A 173 5.72 10.24 3.21
C ARG A 173 6.42 11.32 4.08
N ALA A 174 7.71 11.46 3.84
CA ALA A 174 8.46 12.57 4.44
C ALA A 174 9.62 12.97 3.56
N MET A 175 10.00 14.27 3.65
CA MET A 175 11.06 14.82 2.90
C MET A 175 12.05 15.55 3.86
N VAL A 176 13.26 15.70 3.37
CA VAL A 176 14.27 16.40 4.12
C VAL A 176 13.96 17.93 4.19
N HIS A 177 13.99 18.47 5.40
CA HIS A 177 13.79 19.89 5.62
C HIS A 177 15.13 20.59 5.80
N ASP A 178 15.96 20.01 6.63
CA ASP A 178 17.37 20.51 6.83
C ASP A 178 18.24 19.47 7.40
N LYS A 179 19.46 19.84 7.90
CA LYS A 179 20.35 18.83 8.33
C LYS A 179 19.82 17.81 9.37
N ASN A 180 18.83 18.16 10.16
CA ASN A 180 18.35 17.26 11.21
C ASN A 180 16.87 17.30 11.36
N HIS A 181 16.12 17.66 10.32
CA HIS A 181 14.67 17.58 10.37
C HIS A 181 14.09 17.11 9.03
N LEU A 182 12.92 16.48 9.15
CA LEU A 182 12.06 16.12 8.02
C LEU A 182 10.75 16.83 8.14
N THR A 183 10.04 17.01 7.04
CA THR A 183 8.66 17.33 7.11
C THR A 183 7.85 16.32 6.35
N GLY A 184 6.63 16.11 6.81
CA GLY A 184 5.78 15.06 6.17
C GLY A 184 4.32 15.23 6.32
N LEU A 185 3.59 14.29 5.71
N LEU A 185 3.58 14.26 5.80
CA LEU A 185 2.16 14.25 5.83
CA LEU A 185 2.16 14.32 5.71
C LEU A 185 1.77 13.49 7.05
C LEU A 185 1.58 13.49 6.88
N VAL A 186 0.96 14.16 7.87
CA VAL A 186 0.29 13.52 9.05
C VAL A 186 -1.14 14.08 9.05
N ILE A 187 -2.10 13.27 8.54
CA ILE A 187 -3.44 13.75 8.23
C ILE A 187 -4.52 12.80 8.76
N PRO A 188 -5.69 13.30 9.13
CA PRO A 188 -6.73 12.42 9.55
C PRO A 188 -7.25 11.60 8.36
N PRO A 189 -7.74 10.39 8.54
CA PRO A 189 -7.97 9.64 9.80
C PRO A 189 -6.80 8.72 10.17
N GLN A 190 -5.61 9.01 9.67
CA GLN A 190 -4.50 8.06 9.75
C GLN A 190 -4.07 7.86 11.19
N HIS A 191 -3.64 6.65 11.52
CA HIS A 191 -3.18 6.41 12.93
C HIS A 191 -2.04 7.24 13.39
N ILE A 192 -1.12 7.62 12.53
CA ILE A 192 -0.06 8.48 12.98
C ILE A 192 -0.67 9.83 13.43
N TRP A 193 -1.73 10.30 12.75
CA TRP A 193 -2.41 11.50 13.13
C TRP A 193 -3.20 11.30 14.39
N GLN A 194 -3.89 10.16 14.54
CA GLN A 194 -4.69 9.87 15.75
C GLN A 194 -3.80 9.87 17.02
N ILE A 195 -2.64 9.27 16.88
CA ILE A 195 -1.67 9.27 18.01
C ILE A 195 -1.09 10.64 18.22
N HIS A 196 -0.75 11.37 17.15
N HIS A 196 -0.75 11.36 17.14
CA HIS A 196 -0.23 12.69 17.30
CA HIS A 196 -0.27 12.71 17.24
C HIS A 196 -1.22 13.58 18.09
C HIS A 196 -1.21 13.54 18.10
N GLN A 197 -2.50 13.41 17.82
CA GLN A 197 -3.54 14.17 18.52
C GLN A 197 -3.53 13.86 20.01
N MET A 198 -3.34 12.62 20.38
CA MET A 198 -3.31 12.22 21.77
C MET A 198 -2.17 12.98 22.50
N TRP A 199 -0.98 13.03 21.93
CA TRP A 199 0.17 13.74 22.53
C TRP A 199 -0.11 15.25 22.54
N LYS A 200 -0.74 15.77 21.51
N LYS A 200 -0.71 15.79 21.49
CA LYS A 200 -1.08 17.19 21.52
CA LYS A 200 -1.05 17.22 21.52
C LYS A 200 -2.00 17.53 22.65
C LYS A 200 -1.99 17.54 22.65
N LYS A 201 -3.03 16.75 22.86
CA LYS A 201 -3.98 16.98 23.95
C LYS A 201 -3.31 16.86 25.32
N GLU A 202 -2.39 15.93 25.52
CA GLU A 202 -1.63 15.86 26.76
C GLU A 202 -0.76 17.10 26.92
N GLY A 203 -0.23 17.63 25.83
CA GLY A 203 0.46 18.92 25.81
C GLY A 203 1.80 19.02 26.42
N ARG A 204 2.39 17.91 26.90
CA ARG A 204 3.64 17.99 27.69
C ARG A 204 4.93 17.82 26.90
N SER A 205 4.96 16.95 25.89
N SER A 205 4.87 17.04 25.82
CA SER A 205 6.19 16.82 25.13
CA SER A 205 6.05 16.47 25.20
C SER A 205 5.90 16.42 23.70
C SER A 205 5.87 16.35 23.67
N ASP A 206 6.93 16.56 22.89
CA ASP A 206 6.92 16.09 21.51
C ASP A 206 6.76 14.55 21.51
N VAL A 207 6.32 14.00 20.36
CA VAL A 207 6.07 12.59 20.30
C VAL A 207 7.30 11.79 20.08
N PRO A 208 7.66 10.81 20.98
CA PRO A 208 8.83 10.00 20.68
C PRO A 208 8.56 9.25 19.34
N TRP A 209 9.57 9.18 18.50
CA TRP A 209 9.40 8.69 17.15
C TRP A 209 10.60 7.94 16.64
N ALA A 210 10.36 6.96 15.79
CA ALA A 210 11.45 6.40 15.01
C ALA A 210 10.85 6.05 13.62
N LEU A 211 11.73 6.04 12.66
CA LEU A 211 11.41 5.72 11.25
C LEU A 211 12.43 4.70 10.86
N ALA A 212 11.97 3.47 10.51
CA ALA A 212 12.83 2.35 10.17
C ALA A 212 12.64 2.04 8.70
N PHE A 213 13.71 1.98 7.96
CA PHE A 213 13.71 1.73 6.52
C PHE A 213 14.27 0.33 6.30
N GLY A 214 13.71 -0.44 5.33
CA GLY A 214 14.20 -1.78 5.09
C GLY A 214 13.85 -2.63 6.23
N VAL A 215 12.60 -2.57 6.65
CA VAL A 215 12.09 -3.43 7.72
C VAL A 215 11.67 -4.79 7.13
N PRO A 216 11.36 -5.77 8.04
CA PRO A 216 10.84 -7.02 7.58
C PRO A 216 9.69 -6.85 6.60
N PRO A 217 9.77 -7.43 5.44
CA PRO A 217 8.76 -7.24 4.46
C PRO A 217 7.34 -7.48 4.94
N ALA A 218 7.11 -8.47 5.83
CA ALA A 218 5.78 -8.70 6.34
C ALA A 218 5.28 -7.53 7.18
N ALA A 219 6.19 -6.84 7.84
CA ALA A 219 5.87 -5.64 8.61
C ALA A 219 5.52 -4.44 7.70
N ILE A 220 6.21 -4.26 6.57
CA ILE A 220 5.90 -3.11 5.69
C ILE A 220 4.53 -3.34 5.09
N MET A 221 4.15 -4.59 4.83
N MET A 221 4.13 -4.59 4.84
CA MET A 221 2.78 -4.90 4.33
CA MET A 221 2.76 -4.82 4.33
C MET A 221 1.75 -4.46 5.37
C MET A 221 1.72 -4.45 5.38
N ALA A 222 1.91 -4.86 6.62
CA ALA A 222 0.94 -4.41 7.69
C ALA A 222 0.98 -2.89 7.87
N SER A 223 2.15 -2.31 7.74
CA SER A 223 2.33 -0.86 7.83
C SER A 223 1.44 -0.13 6.79
N SER A 224 1.19 -0.77 5.65
N SER A 224 1.18 -0.74 5.64
CA SER A 224 0.40 -0.20 4.55
CA SER A 224 0.37 -0.10 4.59
C SER A 224 -1.09 -0.56 4.56
C SER A 224 -1.13 -0.41 4.66
N MET A 225 -1.53 -1.29 5.58
CA MET A 225 -2.90 -1.77 5.72
C MET A 225 -3.62 -1.08 6.85
N PRO A 226 -4.88 -0.76 6.60
CA PRO A 226 -5.66 -0.08 7.65
C PRO A 226 -6.26 -1.10 8.62
N ILE A 227 -5.42 -1.80 9.38
CA ILE A 227 -5.90 -2.62 10.51
C ILE A 227 -6.53 -1.72 11.56
N PRO A 228 -7.33 -2.31 12.43
CA PRO A 228 -8.17 -1.43 13.27
C PRO A 228 -7.43 -0.47 14.21
N ASP A 229 -8.19 0.55 14.64
CA ASP A 229 -7.72 1.51 15.62
C ASP A 229 -7.33 0.72 16.85
N GLY A 230 -6.27 1.12 17.45
CA GLY A 230 -5.79 0.52 18.69
C GLY A 230 -5.07 -0.80 18.62
N VAL A 231 -4.88 -1.37 17.42
CA VAL A 231 -4.25 -2.63 17.23
C VAL A 231 -2.79 -2.41 16.88
N THR A 232 -1.90 -2.99 17.70
CA THR A 232 -0.48 -2.87 17.45
C THR A 232 -0.08 -3.71 16.28
N GLU A 233 0.45 -3.10 15.22
CA GLU A 233 0.86 -3.86 13.98
C GLU A 233 1.86 -4.93 14.32
N ALA A 234 2.77 -4.74 15.28
CA ALA A 234 3.72 -5.77 15.54
C ALA A 234 3.13 -7.12 15.94
N GLY A 235 2.07 -7.08 16.76
CA GLY A 235 1.39 -8.28 17.22
C GLY A 235 0.54 -8.93 16.14
N TYR A 236 0.03 -8.13 15.19
CA TYR A 236 -0.74 -8.64 14.06
C TYR A 236 0.21 -9.30 13.09
N VAL A 237 1.35 -8.65 12.81
CA VAL A 237 2.36 -9.31 11.97
C VAL A 237 2.85 -10.60 12.58
N GLY A 238 3.06 -10.56 13.90
CA GLY A 238 3.42 -11.78 14.64
C GLY A 238 2.45 -12.93 14.39
N ALA A 239 1.14 -12.65 14.57
CA ALA A 239 0.10 -13.63 14.35
C ALA A 239 0.08 -14.13 12.91
N MET A 240 0.17 -13.22 11.99
N MET A 240 0.20 -13.20 11.99
CA MET A 240 0.14 -13.58 10.54
CA MET A 240 0.18 -13.50 10.52
C MET A 240 1.25 -14.54 10.19
C MET A 240 1.29 -14.44 10.08
N THR A 241 2.46 -14.23 10.66
CA THR A 241 3.66 -14.99 10.31
C THR A 241 3.83 -16.18 11.21
N GLY A 242 3.09 -16.22 12.32
CA GLY A 242 3.20 -17.35 13.25
C GLY A 242 4.43 -17.32 14.14
N SER A 243 5.11 -16.17 14.15
CA SER A 243 6.35 -15.98 14.92
C SER A 243 6.40 -14.62 15.54
N SER A 244 6.99 -14.53 16.73
CA SER A 244 7.23 -13.23 17.36
C SER A 244 8.33 -12.43 16.64
N LEU A 245 8.05 -11.19 16.28
CA LEU A 245 9.11 -10.39 15.64
C LEU A 245 10.15 -9.97 16.62
N GLU A 246 11.41 -10.04 16.24
CA GLU A 246 12.50 -9.51 17.12
C GLU A 246 12.74 -8.02 16.94
N LEU A 247 12.67 -7.28 18.03
CA LEU A 247 12.85 -5.84 18.04
C LEU A 247 14.00 -5.47 18.98
N VAL A 248 14.62 -4.36 18.68
N VAL A 248 14.64 -4.37 18.70
CA VAL A 248 15.63 -3.78 19.56
CA VAL A 248 15.75 -3.84 19.52
C VAL A 248 15.22 -2.40 19.99
C VAL A 248 15.35 -2.43 19.95
N LYS A 249 15.69 -2.00 21.19
CA LYS A 249 15.36 -0.66 21.66
C LYS A 249 16.19 0.38 20.90
N CYS A 250 15.58 1.51 20.63
CA CYS A 250 16.28 2.63 20.08
C CYS A 250 17.34 3.07 21.18
N ASP A 251 18.39 3.70 20.71
CA ASP A 251 19.37 4.31 21.70
C ASP A 251 18.94 5.51 22.48
N THR A 252 18.15 6.41 21.87
CA THR A 252 17.78 7.67 22.44
C THR A 252 16.37 7.78 22.90
N ASN A 253 15.52 6.74 22.68
CA ASN A 253 14.22 6.71 23.25
C ASN A 253 13.89 5.28 23.54
N ASP A 254 12.68 5.01 24.06
CA ASP A 254 12.33 3.73 24.46
C ASP A 254 11.41 3.00 23.48
N LEU A 255 11.34 3.48 22.25
CA LEU A 255 10.62 2.70 21.23
C LEU A 255 11.49 1.58 20.77
N TYR A 256 10.86 0.61 20.13
CA TYR A 256 11.50 -0.58 19.63
C TYR A 256 11.41 -0.77 18.10
N VAL A 257 12.53 -1.09 17.45
CA VAL A 257 12.55 -1.21 16.01
C VAL A 257 12.89 -2.60 15.62
N PRO A 258 12.52 -3.01 14.40
CA PRO A 258 12.94 -4.34 13.95
C PRO A 258 14.46 -4.51 13.94
N ALA A 259 14.92 -5.65 14.51
CA ALA A 259 16.35 -5.84 14.72
C ALA A 259 17.17 -5.76 13.43
N THR A 260 16.60 -6.21 12.31
CA THR A 260 17.29 -6.23 11.05
C THR A 260 16.96 -5.01 10.17
N SER A 261 16.38 -3.95 10.75
CA SER A 261 16.11 -2.74 9.93
C SER A 261 17.43 -2.30 9.24
N GLU A 262 17.35 -1.89 8.00
CA GLU A 262 18.52 -1.33 7.34
C GLU A 262 19.03 0.01 7.84
N ILE A 263 18.08 0.94 8.10
CA ILE A 263 18.39 2.27 8.54
C ILE A 263 17.33 2.69 9.51
N VAL A 264 17.72 3.27 10.65
CA VAL A 264 16.75 3.76 11.62
C VAL A 264 17.05 5.20 11.96
N LEU A 265 16.05 6.06 11.85
CA LEU A 265 16.15 7.43 12.39
C LEU A 265 15.39 7.44 13.70
N GLU A 266 15.94 8.10 14.74
CA GLU A 266 15.31 8.18 16.09
C GLU A 266 15.14 9.68 16.33
N GLY A 267 14.01 10.08 16.83
CA GLY A 267 13.85 11.44 17.27
C GLY A 267 12.47 11.72 17.76
N THR A 268 11.94 12.88 17.34
CA THR A 268 10.64 13.34 17.79
C THR A 268 9.83 13.93 16.65
N LEU A 269 8.53 13.71 16.75
CA LEU A 269 7.52 14.34 15.90
C LEU A 269 6.93 15.52 16.75
N SER A 270 7.09 16.71 16.23
CA SER A 270 6.70 17.93 17.04
C SER A 270 5.21 17.99 17.26
N ILE A 271 4.76 18.42 18.46
CA ILE A 271 3.38 18.74 18.71
C ILE A 271 3.06 20.23 18.47
N SER A 272 4.10 21.00 18.17
CA SER A 272 3.90 22.45 17.90
C SER A 272 4.42 23.02 16.56
N GLU A 273 5.50 22.48 16.03
CA GLU A 273 6.17 23.03 14.89
C GLU A 273 5.66 22.43 13.60
N THR A 274 5.71 23.23 12.56
CA THR A 274 5.42 22.80 11.19
C THR A 274 6.51 23.29 10.28
N GLY A 275 6.53 22.72 9.07
CA GLY A 275 7.41 23.19 8.05
C GLY A 275 6.90 22.90 6.65
N PRO A 276 7.48 23.58 5.62
CA PRO A 276 7.02 23.34 4.23
C PRO A 276 7.14 21.88 3.81
N GLN A 277 6.11 21.39 3.16
CA GLN A 277 6.12 20.01 2.67
C GLN A 277 5.40 20.00 1.26
N GLY A 278 5.95 19.23 0.30
CA GLY A 278 5.28 19.06 -0.94
C GLY A 278 5.64 20.21 -1.91
N PRO A 279 5.21 20.11 -3.17
CA PRO A 279 4.41 19.02 -3.63
C PRO A 279 5.19 17.74 -3.89
N PHE A 280 4.43 16.65 -4.10
CA PHE A 280 5.03 15.36 -4.41
C PHE A 280 4.20 14.70 -5.55
N GLY A 281 4.84 13.95 -6.39
CA GLY A 281 4.15 13.21 -7.47
C GLY A 281 3.51 12.03 -6.82
N GLU A 282 2.19 11.94 -6.90
CA GLU A 282 1.43 11.09 -6.05
C GLU A 282 0.73 9.94 -6.79
N MET A 283 0.12 9.07 -6.00
CA MET A 283 -0.54 7.80 -6.42
C MET A 283 -1.56 7.92 -7.51
N HIS A 284 -2.23 9.07 -7.60
CA HIS A 284 -3.21 9.19 -8.69
C HIS A 284 -2.61 9.59 -10.02
N GLY A 285 -1.31 9.83 -10.07
CA GLY A 285 -0.58 10.04 -11.36
C GLY A 285 -0.29 11.51 -11.63
N TYR A 286 -0.33 12.39 -10.60
CA TYR A 286 -0.13 13.86 -10.82
C TYR A 286 0.84 14.48 -9.87
N ILE A 287 1.45 15.57 -10.32
CA ILE A 287 2.02 16.54 -9.38
C ILE A 287 1.55 17.96 -9.76
N PHE A 288 1.19 18.75 -8.77
CA PHE A 288 0.79 20.12 -8.96
C PHE A 288 1.96 21.03 -8.52
N PRO A 289 2.80 21.43 -9.50
N PRO A 289 2.78 21.49 -9.49
CA PRO A 289 4.02 22.15 -9.08
CA PRO A 289 3.99 22.30 -9.18
C PRO A 289 3.64 23.44 -8.35
C PRO A 289 3.86 23.40 -8.10
N GLY A 290 4.46 23.74 -7.34
N GLY A 290 2.77 24.12 -8.01
CA GLY A 290 4.29 24.85 -6.48
CA GLY A 290 2.81 25.26 -7.06
C GLY A 290 3.32 24.63 -5.33
C GLY A 290 2.68 24.83 -5.59
N ASP A 291 2.51 23.55 -5.34
CA ASP A 291 1.51 23.24 -4.28
C ASP A 291 2.18 22.79 -2.96
N THR A 292 2.79 23.74 -2.27
CA THR A 292 3.46 23.52 -0.97
C THR A 292 2.56 23.98 0.18
N HIS A 293 2.52 23.19 1.25
CA HIS A 293 1.73 23.51 2.41
C HIS A 293 2.56 23.23 3.65
N LEU A 294 2.17 23.78 4.79
CA LEU A 294 2.82 23.48 6.08
C LEU A 294 2.41 22.05 6.44
N GLY A 295 3.37 21.27 6.93
CA GLY A 295 3.11 19.87 7.38
C GLY A 295 3.82 19.61 8.70
N ALA A 296 3.66 18.37 9.16
CA ALA A 296 4.33 17.87 10.36
C ALA A 296 5.83 17.95 10.26
N LYS A 297 6.52 18.23 11.37
CA LYS A 297 7.90 18.36 11.36
C LYS A 297 8.49 17.33 12.35
N TYR A 298 9.55 16.67 11.91
CA TYR A 298 10.25 15.71 12.71
C TYR A 298 11.66 16.13 12.97
N LYS A 299 12.15 15.91 14.17
CA LYS A 299 13.55 16.12 14.44
C LYS A 299 14.25 14.79 14.53
N VAL A 300 15.41 14.69 13.89
CA VAL A 300 16.22 13.49 13.94
C VAL A 300 17.40 13.69 14.86
N ASN A 301 17.50 12.86 15.87
CA ASN A 301 18.61 12.90 16.85
C ASN A 301 19.71 11.86 16.62
N ARG A 302 19.43 10.73 15.96
CA ARG A 302 20.35 9.69 15.77
C ARG A 302 19.99 8.86 14.56
N ILE A 303 20.99 8.35 13.89
CA ILE A 303 20.81 7.36 12.80
C ILE A 303 21.57 6.16 13.14
N THR A 304 20.95 4.98 13.05
CA THR A 304 21.68 3.75 13.13
C THR A 304 21.42 2.95 11.86
N TYR A 305 22.36 2.08 11.49
CA TYR A 305 22.24 1.41 10.22
C TYR A 305 23.11 0.22 10.04
N ARG A 306 22.61 -0.69 9.26
CA ARG A 306 23.39 -1.84 8.83
C ARG A 306 24.62 -1.45 7.97
N ASN A 307 25.65 -2.28 8.07
CA ASN A 307 26.75 -2.20 7.08
C ASN A 307 26.08 -2.39 5.65
N ASN A 308 26.53 -1.57 4.71
CA ASN A 308 26.06 -1.64 3.28
C ASN A 308 24.51 -1.47 3.26
N ALA A 309 24.00 -0.58 4.06
CA ALA A 309 22.57 -0.29 4.21
C ALA A 309 21.95 -0.02 2.86
N ILE A 310 20.71 -0.51 2.74
CA ILE A 310 19.86 -0.35 1.53
C ILE A 310 18.56 0.36 1.88
N MET A 311 18.27 1.45 1.18
CA MET A 311 17.02 2.27 1.35
C MET A 311 16.05 1.81 0.31
N PRO A 312 14.89 1.25 0.68
CA PRO A 312 13.86 1.04 -0.35
C PRO A 312 13.19 2.39 -0.73
N MET A 313 12.76 2.46 -2.01
CA MET A 313 12.15 3.66 -2.56
C MET A 313 11.01 3.31 -3.47
N SER A 314 9.88 4.03 -3.32
CA SER A 314 8.75 3.94 -4.24
C SER A 314 8.73 5.16 -5.16
N SER A 315 8.90 4.97 -6.45
CA SER A 315 8.85 6.09 -7.39
C SER A 315 7.41 6.13 -7.89
N CYS A 316 6.55 6.75 -7.09
CA CYS A 316 5.11 6.62 -7.33
C CYS A 316 4.52 7.56 -8.34
N GLY A 317 3.40 7.16 -8.93
CA GLY A 317 2.71 7.95 -9.92
C GLY A 317 1.70 7.17 -10.71
N ARG A 318 1.76 7.31 -12.02
CA ARG A 318 0.97 6.44 -12.86
C ARG A 318 1.30 4.95 -12.75
N LEU A 319 0.36 4.10 -13.22
CA LEU A 319 0.43 2.67 -12.96
C LEU A 319 1.77 2.04 -13.39
N THR A 320 2.30 1.05 -12.67
CA THR A 320 1.78 0.45 -11.45
C THR A 320 2.88 0.38 -10.44
N ASP A 321 2.62 0.89 -9.26
CA ASP A 321 3.61 0.91 -8.17
C ASP A 321 2.99 0.50 -6.84
N GLU A 322 3.74 0.71 -5.78
CA GLU A 322 3.36 0.29 -4.45
C GLU A 322 2.12 0.98 -3.96
N THR A 323 1.91 2.18 -4.45
CA THR A 323 0.74 2.94 -4.01
C THR A 323 -0.50 2.35 -4.66
N HIS A 324 -0.41 1.51 -5.67
CA HIS A 324 -1.56 0.85 -6.23
C HIS A 324 -1.65 -0.56 -5.66
N THR A 325 -0.55 -1.25 -5.71
CA THR A 325 -0.60 -2.70 -5.36
C THR A 325 -0.86 -2.93 -3.90
N MET A 326 -0.32 -2.05 -3.03
CA MET A 326 -0.40 -2.15 -1.54
C MET A 326 -1.51 -1.26 -1.00
N ILE A 327 -1.54 0.03 -1.33
CA ILE A 327 -2.60 0.87 -0.71
C ILE A 327 -3.98 0.34 -1.10
N GLY A 328 -4.19 0.24 -2.43
CA GLY A 328 -5.42 -0.17 -3.00
C GLY A 328 -5.91 -1.55 -2.53
N SER A 329 -5.04 -2.57 -2.70
CA SER A 329 -5.41 -3.92 -2.41
C SER A 329 -5.67 -4.14 -0.94
N LEU A 330 -4.85 -3.50 -0.10
CA LEU A 330 -4.92 -3.79 1.33
C LEU A 330 -6.12 -3.04 1.90
N ALA A 331 -6.44 -1.86 1.37
CA ALA A 331 -7.71 -1.20 1.78
C ALA A 331 -8.91 -2.04 1.36
N ALA A 332 -8.88 -2.61 0.14
CA ALA A 332 -9.96 -3.49 -0.32
C ALA A 332 -10.10 -4.69 0.63
N ALA A 333 -9.00 -5.32 1.04
CA ALA A 333 -9.08 -6.43 1.94
C ALA A 333 -9.81 -6.07 3.27
N GLU A 334 -9.39 -4.96 3.84
CA GLU A 334 -9.99 -4.48 5.10
C GLU A 334 -11.46 -4.17 4.87
N ILE A 335 -11.83 -3.63 3.69
CA ILE A 335 -13.21 -3.38 3.37
C ILE A 335 -14.03 -4.65 3.28
N ARG A 336 -13.46 -5.68 2.67
CA ARG A 336 -14.13 -6.99 2.60
C ARG A 336 -14.49 -7.48 3.97
N LYS A 337 -13.51 -7.49 4.86
CA LYS A 337 -13.76 -7.87 6.23
C LYS A 337 -14.80 -7.02 6.98
N LEU A 338 -14.68 -5.73 6.86
CA LEU A 338 -15.64 -4.78 7.47
C LEU A 338 -17.06 -5.10 7.01
N CYS A 339 -17.22 -5.35 5.70
CA CYS A 339 -18.54 -5.60 5.22
C CYS A 339 -19.10 -6.89 5.89
N GLN A 340 -18.26 -7.93 5.92
CA GLN A 340 -18.66 -9.24 6.48
C GLN A 340 -19.01 -9.14 7.98
N GLN A 341 -18.26 -8.32 8.67
CA GLN A 341 -18.53 -8.09 10.09
C GLN A 341 -19.81 -7.32 10.31
N ASN A 342 -20.31 -6.62 9.32
CA ASN A 342 -21.54 -5.90 9.35
C ASN A 342 -22.70 -6.65 8.70
N ASP A 343 -22.55 -7.94 8.56
CA ASP A 343 -23.54 -8.83 8.06
C ASP A 343 -23.92 -8.57 6.61
N LEU A 344 -22.97 -8.06 5.81
CA LEU A 344 -23.24 -7.82 4.41
C LEU A 344 -22.62 -8.99 3.63
N PRO A 345 -23.31 -9.49 2.58
CA PRO A 345 -22.93 -10.72 1.87
C PRO A 345 -21.84 -10.47 0.81
N ILE A 346 -20.71 -9.93 1.24
CA ILE A 346 -19.59 -9.67 0.34
C ILE A 346 -18.58 -10.77 0.45
N THR A 347 -18.21 -11.37 -0.68
CA THR A 347 -17.27 -12.46 -0.72
C THR A 347 -15.83 -12.02 -0.99
N ASP A 348 -15.71 -10.96 -1.76
CA ASP A 348 -14.40 -10.55 -2.34
C ASP A 348 -14.40 -9.08 -2.58
N ALA A 349 -13.25 -8.45 -2.51
CA ALA A 349 -13.09 -7.00 -2.82
C ALA A 349 -11.75 -6.76 -3.43
N PHE A 350 -11.69 -5.84 -4.41
CA PHE A 350 -10.42 -5.45 -4.93
C PHE A 350 -10.57 -4.04 -5.48
N ALA A 351 -9.49 -3.27 -5.48
CA ALA A 351 -9.45 -1.90 -6.07
C ALA A 351 -8.83 -2.03 -7.46
N PRO A 352 -9.67 -1.91 -8.50
CA PRO A 352 -9.12 -2.07 -9.82
C PRO A 352 -8.03 -1.05 -10.15
N PHE A 353 -6.93 -1.54 -10.69
CA PHE A 353 -5.83 -0.63 -11.08
C PHE A 353 -6.34 0.36 -12.09
N GLU A 354 -7.23 -0.06 -13.03
CA GLU A 354 -7.76 0.78 -14.06
C GLU A 354 -8.46 2.03 -13.49
N SER A 355 -8.98 1.94 -12.26
CA SER A 355 -9.63 3.06 -11.58
C SER A 355 -8.63 3.94 -10.79
N GLN A 356 -7.32 3.70 -10.99
CA GLN A 356 -6.27 4.39 -10.24
C GLN A 356 -6.49 4.18 -8.70
N VAL A 357 -6.95 2.94 -8.39
CA VAL A 357 -7.34 2.49 -7.10
C VAL A 357 -8.27 3.42 -6.32
N THR A 358 -9.13 4.12 -7.05
CA THR A 358 -10.10 4.99 -6.41
C THR A 358 -11.45 4.25 -6.34
N TRP A 359 -11.62 3.08 -6.99
CA TRP A 359 -12.84 2.28 -6.88
C TRP A 359 -12.53 1.03 -6.14
N VAL A 360 -13.50 0.45 -5.47
CA VAL A 360 -13.41 -0.99 -5.01
C VAL A 360 -14.62 -1.67 -5.52
N ALA A 361 -14.39 -2.82 -6.10
CA ALA A 361 -15.44 -3.73 -6.58
C ALA A 361 -15.67 -4.79 -5.50
N LEU A 362 -16.91 -4.86 -5.11
CA LEU A 362 -17.40 -5.85 -4.06
C LEU A 362 -18.22 -6.90 -4.72
N ARG A 363 -17.75 -8.13 -4.67
CA ARG A 363 -18.46 -9.26 -5.18
C ARG A 363 -19.49 -9.73 -4.12
N VAL A 364 -20.74 -9.88 -4.54
CA VAL A 364 -21.83 -10.20 -3.66
C VAL A 364 -22.21 -11.68 -3.83
N ASP A 365 -22.56 -12.34 -2.70
CA ASP A 365 -23.11 -13.68 -2.69
C ASP A 365 -24.61 -13.46 -2.84
N THR A 366 -25.08 -13.67 -4.04
CA THR A 366 -26.38 -13.22 -4.37
C THR A 366 -27.41 -14.18 -3.80
N GLU A 367 -27.05 -15.41 -3.52
CA GLU A 367 -27.99 -16.29 -2.74
C GLU A 367 -28.32 -15.65 -1.39
N LYS A 368 -27.29 -15.17 -0.71
CA LYS A 368 -27.49 -14.47 0.54
C LYS A 368 -28.26 -13.21 0.34
N LEU A 369 -27.89 -12.49 -0.72
CA LEU A 369 -28.66 -11.30 -1.03
C LEU A 369 -30.17 -11.57 -1.26
N ARG A 370 -30.50 -12.56 -2.04
CA ARG A 370 -31.92 -12.85 -2.28
C ARG A 370 -32.63 -13.07 -0.93
N ALA A 371 -31.95 -13.69 0.01
CA ALA A 371 -32.63 -14.09 1.28
C ALA A 371 -32.92 -12.82 2.11
N MET A 372 -32.22 -11.73 1.87
CA MET A 372 -32.44 -10.45 2.52
C MET A 372 -33.68 -9.72 2.09
N LYS A 373 -34.18 -10.04 0.92
CA LYS A 373 -35.43 -9.55 0.38
C LYS A 373 -35.44 -8.03 0.40
N THR A 374 -34.40 -7.45 -0.26
CA THR A 374 -34.17 -6.03 -0.26
C THR A 374 -34.15 -5.47 -1.67
N THR A 375 -33.79 -4.22 -1.76
CA THR A 375 -33.79 -3.49 -3.03
C THR A 375 -32.46 -2.84 -3.24
N SER A 376 -32.25 -2.44 -4.51
CA SER A 376 -30.99 -1.70 -4.79
C SER A 376 -30.75 -0.50 -4.00
N GLU A 377 -31.75 0.37 -3.87
N GLU A 377 -31.75 0.37 -3.85
CA GLU A 377 -31.55 1.57 -3.14
CA GLU A 377 -31.48 1.57 -3.13
C GLU A 377 -31.21 1.30 -1.67
C GLU A 377 -31.23 1.34 -1.64
N GLY A 378 -31.94 0.38 -1.04
CA GLY A 378 -31.64 0.04 0.36
C GLY A 378 -30.24 -0.52 0.57
N PHE A 379 -29.89 -1.47 -0.28
CA PHE A 379 -28.66 -2.16 -0.18
C PHE A 379 -27.49 -1.26 -0.41
N ARG A 380 -27.57 -0.43 -1.48
CA ARG A 380 -26.55 0.64 -1.74
C ARG A 380 -26.28 1.53 -0.62
N LYS A 381 -27.36 2.01 0.01
CA LYS A 381 -27.24 2.87 1.14
C LYS A 381 -26.55 2.16 2.31
N ARG A 382 -26.93 0.92 2.56
CA ARG A 382 -26.41 0.21 3.69
C ARG A 382 -24.85 -0.01 3.52
N VAL A 383 -24.48 -0.42 2.30
CA VAL A 383 -23.07 -0.72 2.04
C VAL A 383 -22.26 0.55 2.12
N GLY A 384 -22.75 1.64 1.52
CA GLY A 384 -22.05 2.88 1.56
C GLY A 384 -21.94 3.48 2.98
N ASP A 385 -22.97 3.31 3.82
CA ASP A 385 -22.96 3.87 5.16
C ASP A 385 -21.87 3.07 5.96
N VAL A 386 -21.80 1.77 5.74
CA VAL A 386 -20.75 0.96 6.45
C VAL A 386 -19.33 1.41 6.03
N VAL A 387 -19.11 1.44 4.73
CA VAL A 387 -17.73 1.63 4.23
C VAL A 387 -17.26 3.03 4.24
N PHE A 388 -18.10 3.99 3.83
CA PHE A 388 -17.65 5.35 3.74
C PHE A 388 -17.61 6.09 5.08
N ASN A 389 -18.20 5.55 6.16
CA ASN A 389 -18.02 6.17 7.48
C ASN A 389 -16.94 5.46 8.23
N HIS A 390 -16.16 4.56 7.60
CA HIS A 390 -15.09 3.88 8.29
C HIS A 390 -13.74 4.34 7.66
N LYS A 391 -12.68 4.30 8.46
CA LYS A 391 -11.33 4.59 8.00
C LYS A 391 -10.89 3.71 6.87
N ALA A 392 -11.29 2.47 6.86
CA ALA A 392 -10.87 1.55 5.79
C ALA A 392 -11.38 2.06 4.44
N GLY A 393 -12.52 2.76 4.43
CA GLY A 393 -13.02 3.37 3.16
C GLY A 393 -12.47 4.73 2.74
N TYR A 394 -11.53 5.29 3.52
CA TYR A 394 -11.04 6.63 3.31
C TYR A 394 -10.58 6.90 1.87
N THR A 395 -9.71 6.07 1.32
CA THR A 395 -9.11 6.34 0.01
C THR A 395 -10.05 6.04 -1.19
N ILE A 396 -11.20 5.38 -0.93
CA ILE A 396 -12.05 4.82 -1.94
C ILE A 396 -13.23 5.73 -2.20
N HIS A 397 -13.41 6.16 -3.46
CA HIS A 397 -14.53 7.08 -3.78
C HIS A 397 -15.71 6.47 -4.46
N ARG A 398 -15.53 5.28 -5.05
CA ARG A 398 -16.61 4.59 -5.78
C ARG A 398 -16.58 3.10 -5.38
N LEU A 399 -17.69 2.60 -4.89
CA LEU A 399 -17.87 1.19 -4.70
C LEU A 399 -18.78 0.65 -5.74
N VAL A 400 -18.35 -0.40 -6.40
CA VAL A 400 -19.09 -1.11 -7.45
C VAL A 400 -19.56 -2.45 -6.95
N LEU A 401 -20.88 -2.64 -6.84
CA LEU A 401 -21.42 -3.93 -6.37
C LEU A 401 -21.65 -4.80 -7.59
N VAL A 402 -21.12 -6.05 -7.55
CA VAL A 402 -21.24 -6.98 -8.67
C VAL A 402 -21.62 -8.36 -8.18
N GLY A 403 -22.32 -9.11 -9.03
CA GLY A 403 -22.75 -10.48 -8.69
C GLY A 403 -21.67 -11.52 -8.85
N ASP A 404 -22.10 -12.76 -8.58
CA ASP A 404 -21.22 -13.87 -8.48
C ASP A 404 -20.45 -14.24 -9.71
N ASP A 405 -20.89 -13.81 -10.88
CA ASP A 405 -20.22 -14.18 -12.10
C ASP A 405 -18.98 -13.33 -12.41
N ILE A 406 -18.77 -12.24 -11.71
CA ILE A 406 -17.67 -11.31 -11.93
C ILE A 406 -16.48 -11.60 -11.06
N ASP A 407 -15.28 -11.65 -11.68
CA ASP A 407 -14.05 -11.83 -10.92
C ASP A 407 -13.50 -10.42 -10.68
N VAL A 408 -13.61 -9.96 -9.41
CA VAL A 408 -13.26 -8.59 -9.10
C VAL A 408 -11.76 -8.32 -9.18
N TYR A 409 -10.98 -9.38 -9.29
CA TYR A 409 -9.53 -9.23 -9.45
C TYR A 409 -9.15 -9.02 -10.86
N GLU A 410 -10.12 -9.07 -11.75
CA GLU A 410 -9.90 -8.74 -13.20
C GLU A 410 -10.56 -7.46 -13.58
N GLY A 411 -9.75 -6.46 -13.78
CA GLY A 411 -10.29 -5.13 -14.14
C GLY A 411 -11.21 -5.10 -15.31
N LYS A 412 -10.89 -5.87 -16.35
N LYS A 412 -10.91 -5.88 -16.36
CA LYS A 412 -11.73 -5.92 -17.52
CA LYS A 412 -11.76 -5.90 -17.55
C LYS A 412 -13.15 -6.33 -17.23
C LYS A 412 -13.17 -6.35 -17.25
N ASP A 413 -13.31 -7.28 -16.31
CA ASP A 413 -14.64 -7.80 -15.99
C ASP A 413 -15.38 -6.86 -15.10
N VAL A 414 -14.67 -6.16 -14.17
CA VAL A 414 -15.30 -5.07 -13.42
C VAL A 414 -15.78 -3.94 -14.32
N LEU A 415 -14.98 -3.55 -15.30
N LEU A 415 -14.98 -3.55 -15.30
CA LEU A 415 -15.43 -2.48 -16.21
CA LEU A 415 -15.40 -2.50 -16.24
C LEU A 415 -16.61 -2.91 -17.05
C LEU A 415 -16.60 -2.92 -17.05
N TRP A 416 -16.61 -4.15 -17.51
CA TRP A 416 -17.75 -4.67 -18.22
C TRP A 416 -19.02 -4.61 -17.43
N ALA A 417 -18.97 -5.10 -16.20
CA ALA A 417 -20.15 -5.06 -15.36
C ALA A 417 -20.57 -3.66 -15.02
N PHE A 418 -19.67 -2.78 -14.68
CA PHE A 418 -20.02 -1.40 -14.38
C PHE A 418 -20.73 -0.72 -15.58
N SER A 419 -20.15 -0.91 -16.77
N SER A 419 -20.15 -0.87 -16.78
CA SER A 419 -20.60 -0.26 -17.95
CA SER A 419 -20.67 -0.17 -17.95
C SER A 419 -21.91 -0.75 -18.46
C SER A 419 -21.93 -0.75 -18.49
N THR A 420 -22.31 -1.98 -18.12
CA THR A 420 -23.48 -2.60 -18.71
C THR A 420 -24.60 -2.94 -17.75
N ARG A 421 -24.31 -2.88 -16.42
CA ARG A 421 -25.29 -3.22 -15.43
C ARG A 421 -25.69 -2.13 -14.52
N CYS A 422 -24.98 -1.03 -14.45
CA CYS A 422 -25.29 0.06 -13.58
C CYS A 422 -25.80 1.24 -14.38
N ARG A 423 -27.08 1.51 -14.29
CA ARG A 423 -27.68 2.69 -14.98
C ARG A 423 -27.27 3.99 -14.33
N PRO A 424 -26.58 4.88 -15.04
CA PRO A 424 -26.14 6.12 -14.37
C PRO A 424 -27.30 6.88 -13.70
N GLY A 425 -27.04 7.36 -12.50
CA GLY A 425 -28.03 8.05 -11.69
C GLY A 425 -28.89 7.11 -10.91
N MET A 426 -29.82 6.46 -11.65
CA MET A 426 -30.80 5.63 -11.04
C MET A 426 -30.24 4.49 -10.16
N ASP A 427 -29.14 3.87 -10.62
CA ASP A 427 -28.57 2.76 -9.93
C ASP A 427 -27.40 3.17 -8.99
N GLU A 428 -27.32 4.43 -8.64
CA GLU A 428 -26.18 4.94 -7.81
C GLU A 428 -26.75 5.76 -6.67
N THR A 429 -26.02 5.77 -5.55
CA THR A 429 -26.29 6.70 -4.46
C THR A 429 -25.04 7.50 -4.15
N LEU A 430 -25.16 8.83 -4.16
CA LEU A 430 -24.12 9.74 -3.84
C LEU A 430 -24.03 9.98 -2.36
N PHE A 431 -22.81 10.12 -1.84
CA PHE A 431 -22.50 10.35 -0.43
C PHE A 431 -21.69 11.63 -0.29
N GLU A 432 -22.35 12.70 0.13
CA GLU A 432 -21.71 13.97 0.28
C GLU A 432 -21.28 14.30 1.71
N ASP A 433 -21.75 13.58 2.74
CA ASP A 433 -21.43 13.92 4.08
C ASP A 433 -20.57 12.80 4.71
N VAL A 434 -19.51 12.45 4.00
CA VAL A 434 -18.53 11.50 4.44
C VAL A 434 -17.17 12.13 4.17
N ARG A 435 -16.11 11.69 4.86
CA ARG A 435 -14.80 12.20 4.65
C ARG A 435 -14.33 11.80 3.24
N GLY A 436 -13.77 12.75 2.53
CA GLY A 436 -13.21 12.57 1.21
C GLY A 436 -11.72 12.47 1.24
N PHE A 437 -11.10 11.90 0.22
CA PHE A 437 -9.65 11.74 0.12
C PHE A 437 -9.08 12.90 -0.69
N PRO A 438 -8.42 13.84 -0.03
CA PRO A 438 -8.06 15.05 -0.79
C PRO A 438 -6.99 14.91 -1.81
N LEU A 439 -6.19 13.84 -1.74
N LEU A 439 -6.21 13.82 -1.73
CA LEU A 439 -5.15 13.63 -2.74
CA LEU A 439 -5.16 13.56 -2.72
C LEU A 439 -5.71 13.45 -4.18
C LEU A 439 -5.66 13.32 -4.16
N ILE A 440 -6.92 12.90 -4.29
CA ILE A 440 -7.49 12.69 -5.63
C ILE A 440 -7.64 14.07 -6.27
N PRO A 441 -7.13 14.28 -7.48
CA PRO A 441 -7.21 15.62 -8.08
C PRO A 441 -8.59 16.24 -8.07
N TYR A 442 -9.65 15.45 -8.37
CA TYR A 442 -10.96 16.05 -8.37
C TYR A 442 -11.48 16.50 -7.01
N MET A 443 -10.76 16.08 -5.94
CA MET A 443 -11.04 16.53 -4.53
C MET A 443 -10.23 17.77 -4.21
N GLY A 444 -8.90 17.60 -4.03
CA GLY A 444 -8.06 18.68 -3.58
C GLY A 444 -7.89 19.79 -4.57
N HIS A 445 -7.95 19.50 -5.86
CA HIS A 445 -7.80 20.50 -6.89
C HIS A 445 -9.09 20.67 -7.71
N GLY A 446 -10.27 20.28 -7.16
CA GLY A 446 -11.48 20.20 -7.90
C GLY A 446 -12.44 21.38 -7.62
N ASN A 447 -13.70 21.11 -7.93
CA ASN A 447 -14.76 22.06 -7.86
C ASN A 447 -15.47 22.16 -6.56
N GLY A 448 -15.22 21.22 -5.65
CA GLY A 448 -15.88 21.11 -4.38
C GLY A 448 -14.98 21.06 -3.18
N PRO A 449 -15.54 20.84 -2.00
CA PRO A 449 -14.73 20.73 -0.76
C PRO A 449 -13.68 19.63 -0.86
N ALA A 450 -12.45 19.92 -0.49
CA ALA A 450 -11.38 18.98 -0.66
C ALA A 450 -11.52 17.75 0.27
N HIS A 451 -12.15 17.93 1.44
CA HIS A 451 -12.15 16.90 2.47
C HIS A 451 -13.47 16.20 2.72
N ARG A 452 -14.50 16.48 1.93
CA ARG A 452 -15.84 15.97 2.21
C ARG A 452 -16.55 15.62 0.91
N GLY A 453 -17.20 14.49 0.89
CA GLY A 453 -18.13 14.11 -0.15
C GLY A 453 -17.38 13.56 -1.36
N GLY A 454 -18.08 13.58 -2.50
CA GLY A 454 -17.51 13.05 -3.73
C GLY A 454 -17.54 11.56 -3.84
N LYS A 455 -18.32 10.88 -3.04
CA LYS A 455 -18.31 9.40 -3.02
C LYS A 455 -19.59 8.85 -3.55
N VAL A 456 -19.56 7.63 -4.03
CA VAL A 456 -20.75 7.02 -4.69
C VAL A 456 -20.71 5.51 -4.54
N VAL A 457 -21.89 4.90 -4.40
CA VAL A 457 -22.07 3.48 -4.50
C VAL A 457 -22.80 3.24 -5.81
N SER A 458 -22.21 2.47 -6.69
CA SER A 458 -22.73 2.14 -8.01
C SER A 458 -23.16 0.70 -8.02
N ASP A 459 -24.46 0.44 -8.16
CA ASP A 459 -24.94 -0.93 -8.10
C ASP A 459 -24.99 -1.59 -9.48
N ALA A 460 -24.02 -2.47 -9.75
CA ALA A 460 -24.00 -3.30 -10.98
C ALA A 460 -24.58 -4.68 -10.81
N LEU A 461 -25.45 -4.85 -9.79
CA LEU A 461 -26.30 -5.98 -9.71
C LEU A 461 -27.51 -5.75 -10.59
N MET A 462 -27.91 -6.77 -11.31
CA MET A 462 -29.12 -6.70 -12.11
C MET A 462 -30.34 -7.00 -11.27
N PRO A 463 -31.53 -6.55 -11.75
CA PRO A 463 -32.69 -6.64 -10.86
C PRO A 463 -33.00 -8.01 -10.33
N THR A 464 -32.89 -9.04 -11.17
CA THR A 464 -33.25 -10.38 -10.74
C THR A 464 -32.27 -10.97 -9.78
N GLU A 465 -31.12 -10.36 -9.60
CA GLU A 465 -30.16 -10.84 -8.60
C GLU A 465 -30.66 -10.61 -7.14
N TYR A 466 -31.56 -9.69 -6.95
CA TYR A 466 -32.22 -9.45 -5.70
C TYR A 466 -33.45 -10.35 -5.45
N THR A 467 -33.98 -11.03 -6.48
CA THR A 467 -35.29 -11.70 -6.39
C THR A 467 -35.10 -13.20 -6.67
N THR A 468 -35.06 -13.56 -7.95
CA THR A 468 -35.12 -14.96 -8.38
C THR A 468 -33.83 -15.61 -8.93
N GLY A 469 -32.82 -14.81 -9.23
CA GLY A 469 -31.56 -15.27 -9.72
C GLY A 469 -31.23 -14.68 -11.12
N ARG A 470 -29.97 -14.79 -11.46
CA ARG A 470 -29.45 -14.32 -12.76
C ARG A 470 -30.31 -14.85 -13.92
N ASN A 471 -30.65 -14.00 -14.88
CA ASN A 471 -31.52 -14.42 -15.98
C ASN A 471 -30.92 -14.22 -17.40
N TRP A 472 -29.62 -14.16 -17.41
CA TRP A 472 -28.84 -14.09 -18.65
C TRP A 472 -27.80 -15.14 -18.68
N GLU A 473 -27.23 -15.27 -19.90
CA GLU A 473 -25.94 -15.94 -20.10
C GLU A 473 -25.03 -14.94 -20.81
N ALA A 474 -23.72 -15.03 -20.61
CA ALA A 474 -22.87 -14.10 -21.34
C ALA A 474 -22.86 -14.54 -22.83
N ALA A 475 -22.74 -13.54 -23.73
CA ALA A 475 -22.51 -13.77 -25.14
C ALA A 475 -20.97 -13.81 -25.35
N ASP A 476 -20.39 -14.86 -24.79
CA ASP A 476 -18.96 -15.12 -24.93
C ASP A 476 -18.73 -16.58 -25.24
N PHE A 477 -17.47 -16.92 -25.57
CA PHE A 477 -17.16 -18.32 -25.91
C PHE A 477 -17.47 -19.26 -24.73
N ASN A 478 -17.17 -18.84 -23.50
CA ASN A 478 -17.37 -19.70 -22.37
C ASN A 478 -18.85 -20.08 -22.14
N GLN A 479 -19.79 -19.13 -22.28
CA GLN A 479 -21.13 -19.37 -21.91
C GLN A 479 -22.15 -19.54 -23.04
N SER A 480 -21.80 -19.18 -24.25
N SER A 480 -21.81 -19.14 -24.27
CA SER A 480 -22.77 -19.24 -25.30
CA SER A 480 -22.77 -19.28 -25.39
C SER A 480 -22.61 -20.49 -26.20
C SER A 480 -22.74 -20.60 -26.12
N TYR A 481 -21.82 -21.47 -25.77
CA TYR A 481 -21.59 -22.73 -26.51
C TYR A 481 -21.50 -23.91 -25.54
N PRO A 482 -22.01 -25.05 -25.95
CA PRO A 482 -21.95 -26.23 -25.05
C PRO A 482 -20.55 -26.72 -24.86
N GLU A 483 -20.35 -27.46 -23.75
CA GLU A 483 -19.06 -27.86 -23.40
C GLU A 483 -18.35 -28.70 -24.39
N ASP A 484 -19.03 -29.64 -25.01
N ASP A 484 -19.03 -29.65 -24.98
CA ASP A 484 -18.37 -30.55 -25.98
CA ASP A 484 -18.41 -30.56 -25.95
C ASP A 484 -17.90 -29.82 -27.29
C ASP A 484 -17.86 -29.77 -27.19
N LEU A 485 -18.68 -28.83 -27.69
CA LEU A 485 -18.26 -27.97 -28.80
C LEU A 485 -17.07 -27.15 -28.43
N LYS A 486 -17.14 -26.45 -27.28
CA LYS A 486 -15.97 -25.68 -26.85
C LYS A 486 -14.66 -26.50 -26.92
N GLN A 487 -14.72 -27.71 -26.38
CA GLN A 487 -13.54 -28.54 -26.28
C GLN A 487 -13.04 -28.97 -27.69
N LYS A 488 -13.96 -29.24 -28.59
CA LYS A 488 -13.62 -29.58 -29.94
C LYS A 488 -12.90 -28.40 -30.66
N VAL A 489 -13.43 -27.21 -30.47
CA VAL A 489 -12.83 -26.06 -31.03
C VAL A 489 -11.41 -25.82 -30.50
N LEU A 490 -11.21 -25.96 -29.18
CA LEU A 490 -9.96 -25.77 -28.60
C LEU A 490 -9.00 -26.88 -29.05
N ASP A 491 -9.51 -28.10 -29.14
CA ASP A 491 -8.67 -29.23 -29.59
C ASP A 491 -8.21 -29.07 -31.05
N ASN A 492 -9.08 -28.49 -31.90
CA ASN A 492 -8.74 -28.28 -33.31
C ASN A 492 -8.14 -26.93 -33.70
N TRP A 493 -7.91 -26.05 -32.72
CA TRP A 493 -7.52 -24.67 -32.94
C TRP A 493 -6.24 -24.49 -33.75
N THR A 494 -5.15 -25.15 -33.30
CA THR A 494 -3.92 -25.00 -34.02
C THR A 494 -3.93 -25.80 -35.31
N LYS A 495 -4.65 -26.94 -35.39
CA LYS A 495 -4.79 -27.73 -36.61
C LYS A 495 -5.47 -26.94 -37.68
N MET A 496 -6.50 -26.18 -37.32
CA MET A 496 -7.18 -25.36 -38.32
C MET A 496 -6.32 -24.23 -38.86
N GLY A 497 -5.32 -23.76 -38.13
CA GLY A 497 -4.42 -22.64 -38.47
C GLY A 497 -4.37 -21.41 -37.61
N PHE A 498 -5.05 -21.44 -36.44
CA PHE A 498 -5.08 -20.29 -35.53
C PHE A 498 -3.90 -20.33 -34.60
N SER A 499 -3.71 -19.26 -33.81
CA SER A 499 -2.52 -19.05 -32.97
C SER A 499 -2.76 -19.68 -31.64
N HIS A 503 1.58 -19.73 -23.75
CA HIS A 503 2.08 -20.56 -22.66
C HIS A 503 1.85 -19.88 -21.32
N HIS A 504 1.25 -20.62 -20.39
CA HIS A 504 0.78 -20.02 -19.15
C HIS A 504 1.90 -19.28 -18.37
N HIS A 505 3.12 -19.84 -18.36
CA HIS A 505 4.21 -19.20 -17.60
C HIS A 505 4.99 -18.06 -18.28
N HIS A 506 4.88 -17.85 -19.60
CA HIS A 506 5.78 -16.93 -20.33
#